data_4GW6
#
_entry.id   4GW6
#
_cell.length_a   72.769
_cell.length_b   72.769
_cell.length_c   65.379
_cell.angle_alpha   90.000
_cell.angle_beta   90.000
_cell.angle_gamma   120.000
#
_symmetry.space_group_name_H-M   'P 31 2 1'
#
loop_
_entity.id
_entity.type
_entity.pdbx_description
1 polymer 'Gag-Pol polyprotein'
2 non-polymer ARSENIC
3 non-polymer '(2S)-[6-bromo-4-(4-chlorophenyl)-2-methylquinolin-3-yl](tert-butoxy)ethanoic acid'
4 water water
#
_entity_poly.entity_id   1
_entity_poly.type   'polypeptide(L)'
_entity_poly.pdbx_seq_one_letter_code
;MHGQVDCSPGIWQLDCTHLEGKVILVAVHVASGYIEAEVIPAETGQETAYFLLKLAGRWPVKTVHTDNGSNFTSTTVKAA
CWWAGIKQEFGIPYNPQSQGVIESMNKELKKIIGQVRDQAEHLKTAVQMAVFIHNKKRKGGIGGYSAGERIVDIIATDIQ
TKE
;
_entity_poly.pdbx_strand_id   A
#
# COMPACT_ATOMS: atom_id res chain seq x y z
N ASP A 6 9.00 4.27 -15.52
CA ASP A 6 7.94 3.31 -16.00
C ASP A 6 6.49 3.83 -15.81
N CYS A 7 5.81 3.29 -14.79
CA CYS A 7 4.35 3.32 -14.66
C CYS A 7 3.69 4.68 -14.35
N SER A 8 2.39 4.76 -14.69
CA SER A 8 1.56 5.91 -14.40
C SER A 8 1.57 6.19 -12.88
N PRO A 9 1.71 7.47 -12.50
CA PRO A 9 1.99 7.86 -11.11
C PRO A 9 0.81 7.67 -10.15
N GLY A 10 -0.36 7.43 -10.70
CA GLY A 10 -1.56 7.25 -9.90
C GLY A 10 -1.99 5.81 -9.72
N ILE A 11 -1.13 4.84 -10.00
CA ILE A 11 -1.53 3.44 -9.81
C ILE A 11 -1.01 2.90 -8.48
N TRP A 12 -1.85 2.18 -7.76
CA TRP A 12 -1.50 1.59 -6.49
C TRP A 12 -1.99 0.18 -6.55
N GLN A 13 -1.34 -0.66 -5.78
CA GLN A 13 -1.75 -2.03 -5.55
C GLN A 13 -2.08 -2.18 -4.08
N LEU A 14 -3.20 -2.84 -3.79
CA LEU A 14 -3.66 -3.00 -2.42
C LEU A 14 -3.99 -4.46 -2.13
N ASP A 15 -3.50 -5.02 -1.04
CA ASP A 15 -3.67 -6.47 -0.74
C ASP A 15 -3.60 -6.74 0.73
N CYS A 16 -3.97 -7.93 1.17
CA CYS A 16 -3.78 -8.22 2.58
C CYS A 16 -2.90 -9.42 2.72
N THR A 17 -2.00 -9.39 3.71
CA THR A 17 -1.33 -10.61 4.20
C THR A 17 -1.68 -10.91 5.63
N HIS A 18 -1.37 -12.13 6.05
CA HIS A 18 -1.67 -12.60 7.39
C HIS A 18 -0.40 -12.92 8.07
N LEU A 19 -0.35 -12.59 9.35
CA LEU A 19 0.80 -12.86 10.15
C LEU A 19 0.29 -12.73 11.57
N GLU A 20 0.61 -13.73 12.40
CA GLU A 20 0.23 -13.75 13.81
C GLU A 20 -1.28 -13.76 14.10
N GLY A 21 -2.08 -14.33 13.20
CA GLY A 21 -3.53 -14.31 13.35
C GLY A 21 -4.17 -12.97 13.01
N LYS A 22 -3.36 -12.05 12.51
CA LYS A 22 -3.83 -10.69 12.27
C LYS A 22 -3.66 -10.38 10.80
N VAL A 23 -4.44 -9.42 10.32
CA VAL A 23 -4.42 -9.06 8.91
C VAL A 23 -3.66 -7.79 8.73
N ILE A 24 -2.73 -7.77 7.78
CA ILE A 24 -2.01 -6.55 7.40
C ILE A 24 -2.52 -6.07 6.05
N LEU A 25 -2.93 -4.81 5.95
CA LEU A 25 -3.33 -4.28 4.66
C LEU A 25 -2.12 -3.51 4.09
N VAL A 26 -1.77 -3.76 2.84
CA VAL A 26 -0.54 -3.23 2.27
C VAL A 26 -0.81 -2.53 0.94
N ALA A 27 -0.53 -1.22 0.89
CA ALA A 27 -0.60 -0.40 -0.33
C ALA A 27 0.79 -0.16 -0.93
N VAL A 28 0.89 -0.39 -2.24
CA VAL A 28 2.12 -0.19 -2.98
C VAL A 28 1.87 0.75 -4.14
N HIS A 29 2.65 1.84 -4.19
CA HIS A 29 2.56 2.76 -5.29
C HIS A 29 3.43 2.16 -6.38
N VAL A 30 2.87 1.64 -7.47
CA VAL A 30 3.70 0.74 -8.31
C VAL A 30 4.93 1.38 -9.02
N ALA A 31 4.85 2.66 -9.40
CA ALA A 31 5.99 3.30 -10.06
C ALA A 31 7.20 3.54 -9.14
N SER A 32 6.99 3.60 -7.82
CA SER A 32 8.09 3.88 -6.89
C SER A 32 8.52 2.71 -6.03
N GLY A 33 7.59 1.86 -5.60
CA GLY A 33 7.87 0.82 -4.59
C GLY A 33 7.57 1.26 -3.15
N TYR A 34 7.12 2.52 -2.99
CA TYR A 34 6.73 3.05 -1.68
C TYR A 34 5.51 2.34 -1.15
N ILE A 35 5.56 1.88 0.08
CA ILE A 35 4.40 1.23 0.63
C ILE A 35 3.86 2.01 1.83
N GLU A 36 2.55 1.96 2.03
CA GLU A 36 2.02 2.15 3.38
C GLU A 36 1.19 0.96 3.83
N ALA A 37 1.05 0.79 5.14
CA ALA A 37 0.54 -0.47 5.67
C ALA A 37 -0.12 -0.24 6.99
N GLU A 38 -1.07 -1.09 7.29
CA GLU A 38 -1.84 -0.99 8.52
C GLU A 38 -2.23 -2.41 8.93
N VAL A 39 -2.05 -2.74 10.22
CA VAL A 39 -2.65 -3.93 10.85
C VAL A 39 -4.09 -3.66 11.23
N ILE A 40 -5.01 -4.40 10.60
CA ILE A 40 -6.46 -4.36 10.93
C ILE A 40 -6.88 -5.67 11.63
N PRO A 41 -7.96 -5.67 12.45
CA PRO A 41 -8.26 -6.92 13.15
C PRO A 41 -8.75 -8.06 12.23
N ALA A 42 -9.57 -7.73 11.22
CA ALA A 42 -9.96 -8.70 10.17
C ALA A 42 -10.35 -8.05 8.83
N GLU A 43 -10.19 -8.82 7.75
CA GLU A 43 -10.46 -8.40 6.36
C GLU A 43 -11.92 -8.10 6.16
N THR A 44 -12.33 -6.86 6.38
CA THR A 44 -13.69 -6.45 5.98
C THR A 44 -13.65 -5.34 4.96
N GLY A 45 -14.70 -5.30 4.15
CA GLY A 45 -14.95 -4.19 3.26
C GLY A 45 -14.88 -2.82 3.94
N GLN A 46 -15.32 -2.70 5.18
CA GLN A 46 -15.26 -1.43 5.90
C GLN A 46 -13.80 -0.98 6.16
N GLU A 47 -12.93 -1.94 6.50
CA GLU A 47 -11.54 -1.61 6.72
C GLU A 47 -10.88 -1.15 5.44
N THR A 48 -11.24 -1.78 4.32
CA THR A 48 -10.62 -1.46 3.06
C THR A 48 -11.02 -0.06 2.63
N ALA A 49 -12.31 0.23 2.73
CA ALA A 49 -12.85 1.53 2.31
C ALA A 49 -12.13 2.65 3.03
N TYR A 50 -11.92 2.43 4.32
CA TYR A 50 -11.46 3.45 5.21
C TYR A 50 -9.99 3.71 4.89
N PHE A 51 -9.28 2.66 4.57
CA PHE A 51 -7.87 2.77 4.25
C PHE A 51 -7.74 3.55 2.92
N LEU A 52 -8.68 3.31 1.99
CA LEU A 52 -8.61 3.95 0.68
C LEU A 52 -8.90 5.42 0.88
N LEU A 53 -9.89 5.74 1.68
CA LEU A 53 -10.17 7.10 2.02
C LEU A 53 -8.90 7.78 2.57
N LYS A 54 -8.21 7.07 3.45
CA LYS A 54 -7.02 7.63 4.05
C LYS A 54 -5.94 7.91 3.03
N LEU A 55 -5.75 6.96 2.11
CA LEU A 55 -4.69 6.96 1.17
C LEU A 55 -4.92 8.08 0.17
N ALA A 56 -6.19 8.26 -0.19
CA ALA A 56 -6.53 9.16 -1.27
C ALA A 56 -6.36 10.64 -0.91
N GLY A 57 -6.43 10.98 0.39
CA GLY A 57 -6.36 12.38 0.80
C GLY A 57 -4.93 12.81 0.96
N ARG A 58 -4.04 11.87 0.66
CA ARG A 58 -2.61 12.03 0.85
C ARG A 58 -1.95 12.07 -0.50
N TRP A 59 -2.35 11.19 -1.41
CA TRP A 59 -1.64 11.06 -2.67
C TRP A 59 -2.64 11.21 -3.77
N PRO A 60 -2.18 11.51 -4.99
CA PRO A 60 -3.19 11.41 -6.07
C PRO A 60 -3.34 9.93 -6.44
N VAL A 61 -4.53 9.36 -6.17
CA VAL A 61 -4.79 7.93 -6.40
C VAL A 61 -5.80 7.90 -7.56
N LYS A 62 -5.35 7.35 -8.69
N LYS A 62 -5.39 7.38 -8.71
CA LYS A 62 -6.12 7.33 -9.94
CA LYS A 62 -6.34 7.32 -9.81
C LYS A 62 -6.85 5.98 -10.04
C LYS A 62 -6.92 5.93 -9.95
N THR A 63 -6.08 4.90 -9.96
CA THR A 63 -6.58 3.55 -10.09
C THR A 63 -5.95 2.71 -9.00
N VAL A 64 -6.65 1.68 -8.50
CA VAL A 64 -5.98 0.72 -7.60
C VAL A 64 -6.20 -0.69 -8.11
N HIS A 65 -5.15 -1.51 -8.05
CA HIS A 65 -5.19 -2.90 -8.42
C HIS A 65 -5.06 -3.75 -7.16
N THR A 66 -5.45 -5.01 -7.26
CA THR A 66 -5.39 -5.94 -6.15
C THR A 66 -5.26 -7.33 -6.71
N ASP A 67 -4.73 -8.25 -5.92
CA ASP A 67 -4.71 -9.61 -6.40
C ASP A 67 -5.93 -10.46 -5.99
N ASN A 68 -6.98 -9.81 -5.47
CA ASN A 68 -8.19 -10.49 -5.12
C ASN A 68 -9.37 -9.57 -5.35
N GLY A 69 -9.91 -9.60 -6.57
CA GLY A 69 -10.92 -8.64 -6.97
C GLY A 69 -12.15 -8.60 -6.08
N SER A 70 -12.43 -9.70 -5.39
CA SER A 70 -13.59 -9.78 -4.52
C SER A 70 -13.42 -8.92 -3.27
N ASN A 71 -12.16 -8.57 -2.96
CA ASN A 71 -11.87 -7.62 -1.89
C ASN A 71 -12.66 -6.33 -2.11
N PHE A 72 -12.97 -6.06 -3.37
CA PHE A 72 -13.39 -4.74 -3.77
C PHE A 72 -14.86 -4.66 -4.10
N THR A 73 -15.63 -5.67 -3.70
CA THR A 73 -17.03 -5.75 -4.09
C THR A 73 -17.99 -5.24 -3.03
N SER A 74 -17.50 -4.96 -1.83
CA SER A 74 -18.37 -4.35 -0.82
C SER A 74 -18.99 -3.09 -1.36
N THR A 75 -20.20 -2.76 -0.96
CA THR A 75 -20.72 -1.46 -1.38
C THR A 75 -19.91 -0.40 -0.65
N THR A 76 -19.52 -0.70 0.59
CA THR A 76 -18.68 0.22 1.36
C THR A 76 -17.47 0.67 0.54
N VAL A 77 -16.87 -0.29 -0.16
CA VAL A 77 -15.64 -0.06 -0.85
C VAL A 77 -15.92 0.71 -2.12
N LYS A 78 -16.97 0.31 -2.84
CA LYS A 78 -17.42 1.05 -4.01
C LYS A 78 -17.79 2.48 -3.66
N ALA A 79 -18.34 2.71 -2.48
CA ALA A 79 -18.74 4.04 -2.05
C ALA A 79 -17.51 4.96 -1.85
N ALA A 80 -16.48 4.41 -1.19
CA ALA A 80 -15.20 5.10 -0.99
C ALA A 80 -14.46 5.41 -2.29
N CYS A 81 -14.38 4.45 -3.22
CA CYS A 81 -13.77 4.71 -4.56
C CYS A 81 -14.54 5.79 -5.30
N TRP A 82 -15.88 5.66 -5.32
CA TRP A 82 -16.75 6.67 -5.89
C TRP A 82 -16.48 8.06 -5.31
N TRP A 83 -16.55 8.21 -3.99
CA TRP A 83 -16.48 9.55 -3.42
C TRP A 83 -15.13 10.20 -3.66
N ALA A 84 -14.06 9.42 -3.63
CA ALA A 84 -12.74 9.98 -3.79
C ALA A 84 -12.22 9.94 -5.23
N GLY A 85 -13.12 9.59 -6.16
CA GLY A 85 -12.78 9.41 -7.57
C GLY A 85 -11.71 8.39 -7.96
N ILE A 86 -11.63 7.26 -7.28
CA ILE A 86 -10.69 6.21 -7.65
C ILE A 86 -11.39 5.29 -8.62
N LYS A 87 -10.69 4.86 -9.66
CA LYS A 87 -11.18 3.82 -10.56
C LYS A 87 -10.40 2.58 -10.26
N GLN A 88 -11.02 1.44 -10.48
CA GLN A 88 -10.30 0.21 -10.27
C GLN A 88 -9.53 -0.15 -11.55
N GLU A 89 -8.44 -0.88 -11.40
CA GLU A 89 -7.61 -1.28 -12.52
C GLU A 89 -8.24 -2.48 -13.25
N PHE A 90 -9.01 -2.22 -14.30
CA PHE A 90 -9.54 -3.28 -15.16
C PHE A 90 -8.40 -3.74 -16.10
N GLY A 91 -7.20 -3.19 -15.90
CA GLY A 91 -6.13 -3.29 -16.89
C GLY A 91 -4.71 -3.63 -16.46
N ILE A 92 -4.55 -4.59 -15.55
CA ILE A 92 -3.29 -5.35 -15.48
C ILE A 92 -3.59 -6.84 -15.28
N PRO A 93 -3.21 -7.66 -16.28
CA PRO A 93 -3.20 -9.11 -16.15
C PRO A 93 -1.96 -9.61 -15.36
N GLU A 103 5.02 -8.30 -5.62
CA GLU A 103 5.56 -8.52 -6.97
C GLU A 103 6.92 -9.24 -6.98
N SER A 104 7.49 -9.51 -5.79
CA SER A 104 6.79 -9.42 -4.52
C SER A 104 7.45 -8.56 -3.43
N MET A 105 6.77 -7.47 -3.08
CA MET A 105 7.09 -6.71 -1.88
C MET A 105 6.54 -7.43 -0.66
N ASN A 106 5.38 -8.08 -0.80
CA ASN A 106 4.82 -8.82 0.32
C ASN A 106 5.81 -9.83 0.96
N LYS A 107 6.48 -10.64 0.15
CA LYS A 107 7.57 -11.50 0.64
C LYS A 107 8.70 -10.73 1.34
N GLU A 108 9.07 -9.56 0.78
CA GLU A 108 10.18 -8.74 1.23
C GLU A 108 9.85 -7.95 2.50
N LEU A 109 8.69 -7.29 2.52
CA LEU A 109 8.23 -6.56 3.70
C LEU A 109 8.10 -7.54 4.86
N LYS A 110 7.55 -8.72 4.59
CA LYS A 110 7.52 -9.87 5.52
C LYS A 110 8.93 -10.26 6.02
N LYS A 111 9.92 -10.18 5.12
CA LYS A 111 11.31 -10.37 5.49
C LYS A 111 11.67 -9.27 6.51
N ILE A 112 11.63 -8.02 6.09
CA ILE A 112 11.83 -6.88 7.01
C ILE A 112 11.07 -6.95 8.37
N ILE A 113 9.77 -7.27 8.34
CA ILE A 113 9.04 -7.59 9.59
C ILE A 113 9.73 -8.66 10.44
N GLY A 114 10.09 -9.79 9.83
CA GLY A 114 10.72 -10.86 10.59
C GLY A 114 11.97 -10.43 11.34
N GLN A 115 12.74 -9.54 10.70
CA GLN A 115 13.99 -9.03 11.26
C GLN A 115 13.85 -8.04 12.46
N VAL A 116 12.77 -7.24 12.47
CA VAL A 116 12.56 -6.27 13.54
C VAL A 116 11.63 -6.77 14.64
N ARG A 117 10.89 -7.86 14.36
CA ARG A 117 9.83 -8.36 15.25
C ARG A 117 10.24 -8.32 16.71
N ASP A 118 11.47 -8.74 16.93
CA ASP A 118 12.16 -8.64 18.20
C ASP A 118 11.98 -7.30 18.90
N GLN A 119 12.06 -6.22 18.13
CA GLN A 119 12.21 -4.87 18.68
C GLN A 119 10.96 -4.32 19.29
N ALA A 120 9.86 -5.04 19.11
CA ALA A 120 8.54 -4.53 19.50
C ALA A 120 7.62 -5.62 20.01
N GLU A 121 6.77 -5.22 20.96
CA GLU A 121 5.76 -6.08 21.48
C GLU A 121 4.67 -6.37 20.45
N HIS A 122 4.09 -5.31 19.85
CA HIS A 122 2.94 -5.52 18.97
C HIS A 122 3.32 -5.69 17.53
N LEU A 123 2.65 -6.62 16.88
CA LEU A 123 2.86 -6.78 15.46
C LEU A 123 2.79 -5.41 14.75
N LYS A 124 1.76 -4.59 15.07
CA LYS A 124 1.59 -3.28 14.39
C LYS A 124 2.85 -2.40 14.43
N THR A 125 3.55 -2.38 15.55
CA THR A 125 4.74 -1.54 15.62
C THR A 125 5.79 -2.06 14.68
N ALA A 126 6.01 -3.37 14.71
CA ALA A 126 6.98 -4.02 13.84
C ALA A 126 6.73 -3.67 12.38
N VAL A 127 5.46 -3.77 11.95
CA VAL A 127 5.01 -3.39 10.60
C VAL A 127 5.39 -1.98 10.19
N GLN A 128 5.10 -1.01 11.04
CA GLN A 128 5.42 0.37 10.74
C GLN A 128 6.90 0.51 10.73
N MET A 129 7.59 -0.20 11.64
CA MET A 129 9.08 -0.13 11.63
C MET A 129 9.59 -0.67 10.28
N ALA A 130 8.99 -1.76 9.82
CA ALA A 130 9.35 -2.39 8.56
C ALA A 130 9.04 -1.50 7.37
N VAL A 131 7.88 -0.86 7.39
CA VAL A 131 7.57 0.13 6.36
C VAL A 131 8.63 1.26 6.33
N PHE A 132 8.98 1.80 7.51
CA PHE A 132 9.95 2.88 7.58
C PHE A 132 11.27 2.48 6.89
N ILE A 133 11.82 1.32 7.27
CA ILE A 133 13.06 0.80 6.66
C ILE A 133 12.90 0.67 5.14
N HIS A 134 11.82 0.06 4.69
CA HIS A 134 11.61 -0.08 3.26
C HIS A 134 11.61 1.25 2.51
N ASN A 135 10.76 2.19 2.93
CA ASN A 135 10.64 3.46 2.21
C ASN A 135 11.92 4.29 2.21
N LYS A 136 12.90 3.92 3.04
CA LYS A 136 14.08 4.77 3.25
C LYS A 136 15.39 4.26 2.60
N LYS A 137 15.61 2.94 2.60
CA LYS A 137 16.67 2.30 1.81
C LYS A 137 16.82 2.89 0.43
N ARG A 138 18.04 3.35 0.13
CA ARG A 138 18.46 3.72 -1.23
C ARG A 138 18.69 2.49 -2.09
N LYS A 139 18.35 2.60 -3.38
CA LYS A 139 18.50 1.51 -4.38
C LYS A 139 19.93 0.98 -4.43
N GLY A 140 20.07 -0.30 -4.75
CA GLY A 140 21.40 -0.95 -4.88
C GLY A 140 22.42 -0.17 -5.70
N GLY A 141 22.00 0.97 -6.26
CA GLY A 141 22.87 1.86 -7.02
C GLY A 141 22.26 2.35 -8.34
N GLY A 144 20.76 6.42 -7.35
CA GLY A 144 19.91 5.50 -6.60
C GLY A 144 19.23 6.18 -5.43
N TYR A 145 17.93 6.50 -5.60
CA TYR A 145 17.12 7.12 -4.55
C TYR A 145 16.46 6.03 -3.70
N SER A 146 15.70 6.45 -2.69
CA SER A 146 14.84 5.55 -1.91
C SER A 146 13.40 5.61 -2.44
N ALA A 147 12.64 4.53 -2.24
CA ALA A 147 11.19 4.53 -2.51
C ALA A 147 10.48 5.81 -2.06
N GLY A 148 10.76 6.25 -0.84
CA GLY A 148 10.22 7.51 -0.29
C GLY A 148 10.57 8.74 -1.12
N GLU A 149 11.85 8.90 -1.46
CA GLU A 149 12.23 9.96 -2.37
C GLU A 149 11.59 9.80 -3.77
N ARG A 150 11.57 8.56 -4.31
CA ARG A 150 10.98 8.31 -5.65
C ARG A 150 9.53 8.72 -5.78
N ILE A 151 8.69 8.35 -4.80
CA ILE A 151 7.28 8.64 -4.92
C ILE A 151 7.09 10.12 -4.96
N VAL A 152 7.80 10.82 -4.09
CA VAL A 152 7.67 12.25 -4.06
C VAL A 152 8.19 12.89 -5.38
N ASP A 153 9.29 12.39 -5.92
CA ASP A 153 9.82 12.92 -7.19
C ASP A 153 8.81 12.71 -8.34
N ILE A 154 8.31 11.48 -8.44
CA ILE A 154 7.39 11.13 -9.49
C ILE A 154 6.19 12.07 -9.43
N ILE A 155 5.64 12.25 -8.24
CA ILE A 155 4.36 12.94 -8.11
C ILE A 155 4.47 14.43 -8.29
N ALA A 156 5.60 14.99 -7.86
CA ALA A 156 5.93 16.40 -8.12
C ALA A 156 6.20 16.68 -9.60
N THR A 157 6.93 15.76 -10.25
CA THR A 157 7.25 15.89 -11.66
C THR A 157 5.94 15.96 -12.46
N ASP A 158 5.01 15.06 -12.13
CA ASP A 158 3.65 15.04 -12.71
C ASP A 158 2.72 16.23 -12.31
N ILE A 159 3.19 17.10 -11.41
CA ILE A 159 2.51 18.38 -11.10
C ILE A 159 3.02 19.45 -12.08
N GLN A 160 4.31 19.77 -11.96
CA GLN A 160 4.96 20.81 -12.76
C GLN A 160 5.50 20.27 -14.10
#